data_3QGV
#
_entry.id   3QGV
#
_cell.length_a   59.900
_cell.length_b   59.900
_cell.length_c   272.410
_cell.angle_alpha   90.00
_cell.angle_beta   90.00
_cell.angle_gamma   90.00
#
_symmetry.space_group_name_H-M   'P 41 21 2'
#
loop_
_entity.id
_entity.type
_entity.pdbx_description
1 polymer 'Alpha amylase'
2 branched Cycloheptakis-(1-4)-(alpha-D-glucopyranose)
3 branched beta-D-fructofuranose-(2-1)-alpha-D-glucopyranose
4 non-polymer 'ZINC ION'
5 non-polymer 'CALCIUM ION'
6 non-polymer 2-AMINO-2-HYDROXYMETHYL-PROPANE-1,3-DIOL
7 non-polymer 'SULFATE ION'
8 water water
#
_entity_poly.entity_id   1
_entity_poly.type   'polypeptide(L)'
_entity_poly.pdbx_seq_one_letter_code
;AKYSELEKGGVIMQAFYWDVPSGGIWWDTIRQKIPEWYDAGISAIWIPPASKGMGGAYSMGYDPYDFFDLGEYDQKGTVE
TRFGSKQELVNMINTAHAYGMKVIADIVINHRAGGDLEWNPFVNDYTWTDFSKVASGKYTANYLDFHPNELHAGDSGTFG
GYPDICHDKSWDQYWLWASQESYAAYLRSIGIDAWRFDYVKGYAPWVVKDWLNWWGGWAVGEYWDTNVDAVLNWAYSSGA
KVFDFALYYKMDEAFDNKNIPALVSALQNGQTVVSRDPFKAVTFVANHDTDIIWNKYPAYAFILTYEGQPTIFYRDYEEW
LNKDKLKNLIWIHENLAGGSTDIVYYDNDELIFVRNGYGDKPGLITYINLGSSKAGRWVYVPKFAGACIHEYTGNLGGWV
DKYVYSSGWVYLEAPAYDPANGQYGYSVWSYCGVG
;
_entity_poly.pdbx_strand_id   A
#
# COMPACT_ATOMS: atom_id res chain seq x y z
N ALA A 1 -14.82 -4.06 -9.84
CA ALA A 1 -13.72 -3.31 -10.45
C ALA A 1 -13.52 -3.72 -11.90
N LYS A 2 -12.73 -2.95 -12.63
CA LYS A 2 -12.59 -3.14 -14.07
C LYS A 2 -11.90 -4.44 -14.42
N TYR A 3 -10.84 -4.79 -13.70
CA TYR A 3 -10.17 -6.07 -13.91
C TYR A 3 -10.27 -6.94 -12.65
N SER A 4 -9.14 -7.25 -12.05
CA SER A 4 -9.08 -7.99 -10.78
C SER A 4 -9.61 -7.18 -9.61
N GLU A 5 -10.26 -7.87 -8.67
CA GLU A 5 -10.65 -7.28 -7.40
C GLU A 5 -9.48 -7.25 -6.41
N LEU A 6 -9.64 -6.43 -5.37
CA LEU A 6 -8.67 -6.32 -4.29
C LEU A 6 -8.26 -7.70 -3.77
N GLU A 7 -9.25 -8.56 -3.50
CA GLU A 7 -9.00 -9.90 -2.97
C GLU A 7 -8.26 -10.80 -3.94
N LYS A 8 -8.21 -10.40 -5.21
CA LYS A 8 -7.54 -11.23 -6.21
C LYS A 8 -6.23 -10.60 -6.64
N GLY A 9 -5.62 -9.80 -5.77
CA GLY A 9 -4.32 -9.22 -6.08
C GLY A 9 -4.36 -7.96 -6.92
N GLY A 10 -5.53 -7.34 -7.04
CA GLY A 10 -5.66 -6.11 -7.82
C GLY A 10 -4.83 -4.94 -7.31
N VAL A 11 -4.57 -3.99 -8.21
CA VAL A 11 -3.74 -2.83 -7.91
C VAL A 11 -4.43 -1.91 -6.90
N ILE A 12 -3.66 -1.35 -5.98
CA ILE A 12 -4.22 -0.43 -4.99
C ILE A 12 -3.71 0.99 -5.25
N MET A 13 -4.59 1.97 -5.11
CA MET A 13 -4.13 3.35 -5.13
C MET A 13 -4.08 3.87 -3.70
N GLN A 14 -2.92 4.34 -3.24
CA GLN A 14 -2.89 5.11 -2.00
C GLN A 14 -3.42 6.49 -2.32
N ALA A 15 -4.60 6.82 -1.77
CA ALA A 15 -5.35 7.99 -2.21
C ALA A 15 -4.99 9.26 -1.43
N PHE A 16 -3.73 9.37 -1.02
CA PHE A 16 -3.29 10.54 -0.26
C PHE A 16 -1.78 10.55 -0.14
N TYR A 17 -1.27 11.62 0.45
CA TYR A 17 0.15 11.75 0.76
C TYR A 17 0.26 12.63 2.01
N TRP A 18 1.47 12.92 2.47
CA TRP A 18 1.58 13.71 3.70
C TRP A 18 1.17 15.16 3.51
N ASP A 19 0.39 15.69 4.44
CA ASP A 19 -0.11 17.06 4.34
C ASP A 19 -0.78 17.38 3.01
N VAL A 20 -1.81 16.61 2.64
CA VAL A 20 -2.65 16.97 1.50
C VAL A 20 -3.36 18.28 1.85
N PRO A 21 -3.80 19.02 0.83
CA PRO A 21 -4.52 20.28 1.06
C PRO A 21 -5.60 20.20 2.13
N SER A 22 -5.51 21.06 3.13
CA SER A 22 -6.54 21.15 4.16
C SER A 22 -7.77 21.83 3.57
N GLY A 23 -8.72 22.21 4.42
CA GLY A 23 -9.93 22.86 3.97
C GLY A 23 -11.09 21.90 3.82
N GLY A 24 -10.91 20.68 4.31
CA GLY A 24 -11.94 19.67 4.28
C GLY A 24 -12.45 19.37 2.88
N ILE A 25 -11.54 19.21 1.93
CA ILE A 25 -11.92 19.00 0.54
C ILE A 25 -11.37 17.69 -0.04
N TRP A 26 -10.73 16.87 0.78
CA TRP A 26 -10.03 15.71 0.24
C TRP A 26 -10.93 14.50 -0.06
N TRP A 27 -12.00 14.31 0.69
CA TRP A 27 -12.92 13.23 0.35
C TRP A 27 -13.55 13.52 -1.01
N ASP A 28 -13.95 14.78 -1.21
CA ASP A 28 -14.54 15.23 -2.46
C ASP A 28 -13.52 15.08 -3.60
N THR A 29 -12.27 15.46 -3.34
CA THR A 29 -11.22 15.35 -4.33
C THR A 29 -11.07 13.89 -4.74
N ILE A 30 -11.00 13.01 -3.76
CA ILE A 30 -10.86 11.59 -4.05
C ILE A 30 -12.07 11.07 -4.83
N ARG A 31 -13.26 11.48 -4.41
CA ARG A 31 -14.49 11.04 -5.05
C ARG A 31 -14.49 11.37 -6.55
N GLN A 32 -14.01 12.57 -6.87
CA GLN A 32 -13.94 12.99 -8.27
C GLN A 32 -12.89 12.20 -9.06
N LYS A 33 -11.84 11.73 -8.40
CA LYS A 33 -10.79 10.96 -9.09
C LYS A 33 -11.18 9.51 -9.40
N ILE A 34 -12.14 8.96 -8.66
CA ILE A 34 -12.36 7.51 -8.76
C ILE A 34 -12.90 6.97 -10.10
N PRO A 35 -13.76 7.72 -10.79
CA PRO A 35 -14.17 7.21 -12.11
C PRO A 35 -12.96 7.01 -13.04
N GLU A 36 -12.01 7.92 -12.98
CA GLU A 36 -10.78 7.79 -13.76
C GLU A 36 -9.92 6.62 -13.29
N TRP A 37 -9.72 6.52 -11.98
CA TRP A 37 -8.95 5.41 -11.42
C TRP A 37 -9.61 4.09 -11.81
N TYR A 38 -10.93 4.09 -11.83
CA TYR A 38 -11.67 2.91 -12.26
C TYR A 38 -11.25 2.52 -13.68
N ASP A 39 -11.32 3.49 -14.59
CA ASP A 39 -10.98 3.24 -15.99
C ASP A 39 -9.53 2.79 -16.12
N ALA A 40 -8.70 3.18 -15.16
CA ALA A 40 -7.29 2.85 -15.18
C ALA A 40 -7.02 1.42 -14.66
N GLY A 41 -8.01 0.78 -14.05
CA GLY A 41 -7.85 -0.58 -13.57
C GLY A 41 -7.62 -0.71 -12.07
N ILE A 42 -7.69 0.40 -11.34
CA ILE A 42 -7.51 0.40 -9.88
C ILE A 42 -8.62 -0.42 -9.21
N SER A 43 -8.25 -1.34 -8.32
CA SER A 43 -9.24 -2.21 -7.66
C SER A 43 -9.78 -1.66 -6.33
N ALA A 44 -9.03 -0.76 -5.69
CA ALA A 44 -9.32 -0.31 -4.34
C ALA A 44 -8.52 0.93 -4.00
N ILE A 45 -9.08 1.74 -3.10
CA ILE A 45 -8.36 2.90 -2.59
C ILE A 45 -8.12 2.81 -1.08
N TRP A 46 -6.91 3.15 -0.69
CA TRP A 46 -6.52 3.25 0.70
C TRP A 46 -6.60 4.73 1.05
N ILE A 47 -7.50 5.06 1.97
CA ILE A 47 -7.73 6.45 2.39
C ILE A 47 -7.07 6.75 3.73
N PRO A 48 -6.80 8.04 4.00
CA PRO A 48 -6.20 8.42 5.28
C PRO A 48 -7.17 8.21 6.46
N PRO A 49 -6.64 8.17 7.69
CA PRO A 49 -7.50 7.97 8.87
C PRO A 49 -8.62 9.01 8.87
N ALA A 50 -9.84 8.56 9.15
CA ALA A 50 -11.03 9.39 8.93
C ALA A 50 -11.53 10.12 10.18
N SER A 51 -11.02 9.76 11.36
CA SER A 51 -11.54 10.30 12.61
C SER A 51 -11.00 11.68 12.97
N LYS A 52 -11.75 12.42 13.80
CA LYS A 52 -11.29 13.70 14.32
C LYS A 52 -10.02 13.51 15.16
N GLY A 53 -8.98 14.27 14.81
CA GLY A 53 -7.71 14.15 15.49
C GLY A 53 -7.39 15.31 16.42
N MET A 54 -6.39 15.10 17.25
CA MET A 54 -5.94 16.16 18.14
C MET A 54 -5.73 17.49 17.40
N GLY A 55 -5.09 17.43 16.23
CA GLY A 55 -4.81 18.62 15.46
C GLY A 55 -6.03 19.23 14.77
N GLY A 56 -7.20 18.64 15.01
CA GLY A 56 -8.44 19.17 14.46
C GLY A 56 -8.41 19.37 12.96
N ALA A 57 -8.65 20.61 12.53
CA ALA A 57 -8.79 20.94 11.10
C ALA A 57 -7.50 20.70 10.28
N TYR A 58 -6.37 20.52 10.95
CA TYR A 58 -5.11 20.31 10.24
C TYR A 58 -4.43 18.99 10.60
N SER A 59 -5.16 18.13 11.31
CA SER A 59 -4.68 16.80 11.62
C SER A 59 -4.62 15.92 10.38
N MET A 60 -3.53 15.17 10.23
CA MET A 60 -3.44 14.14 9.17
C MET A 60 -4.11 12.81 9.57
N GLY A 61 -4.64 12.74 10.78
CA GLY A 61 -5.42 11.58 11.21
C GLY A 61 -4.68 10.59 12.09
N TYR A 62 -3.37 10.73 12.20
CA TYR A 62 -2.57 9.75 12.94
C TYR A 62 -2.44 10.09 14.44
N ASP A 63 -3.16 11.14 14.84
CA ASP A 63 -3.31 11.52 16.24
C ASP A 63 -4.79 11.50 16.60
N PRO A 64 -5.45 10.34 16.48
CA PRO A 64 -6.90 10.28 16.68
C PRO A 64 -7.29 10.74 18.09
N TYR A 65 -8.40 11.47 18.17
CA TYR A 65 -8.94 11.96 19.44
C TYR A 65 -10.31 11.31 19.70
N ASP A 66 -11.27 11.60 18.84
CA ASP A 66 -12.60 10.97 18.91
C ASP A 66 -12.81 10.04 17.71
N PHE A 67 -12.62 8.74 17.93
CA PHE A 67 -12.69 7.75 16.86
C PHE A 67 -14.04 7.76 16.14
N PHE A 68 -15.08 8.17 16.84
CA PHE A 68 -16.43 8.12 16.31
C PHE A 68 -16.90 9.47 15.78
N ASP A 69 -15.94 10.38 15.64
CA ASP A 69 -16.19 11.65 14.98
C ASP A 69 -15.51 11.64 13.62
N LEU A 70 -16.27 11.28 12.58
CA LEU A 70 -15.76 11.19 11.22
C LEU A 70 -15.95 12.51 10.48
N GLY A 71 -16.01 13.59 11.26
CA GLY A 71 -16.16 14.93 10.71
C GLY A 71 -17.57 15.49 10.80
N GLU A 72 -18.24 15.27 11.93
CA GLU A 72 -19.61 15.75 12.12
C GLU A 72 -19.87 16.40 13.49
N TYR A 73 -18.92 16.29 14.42
CA TYR A 73 -19.11 16.96 15.71
C TYR A 73 -18.19 18.18 15.83
N ASP A 74 -18.69 19.25 16.45
CA ASP A 74 -17.89 20.45 16.61
C ASP A 74 -16.93 20.28 17.78
N GLN A 75 -15.65 20.15 17.46
CA GLN A 75 -14.70 19.56 18.38
C GLN A 75 -13.31 19.90 17.90
N LYS A 76 -12.40 20.19 18.83
CA LYS A 76 -11.02 20.52 18.44
C LYS A 76 -11.02 21.64 17.40
N GLY A 77 -12.00 22.54 17.52
CA GLY A 77 -12.03 23.75 16.74
C GLY A 77 -12.51 23.56 15.32
N THR A 78 -13.21 22.45 15.07
CA THR A 78 -13.71 22.18 13.73
C THR A 78 -14.83 21.15 13.76
N VAL A 79 -15.70 21.19 12.75
CA VAL A 79 -16.67 20.12 12.56
C VAL A 79 -16.09 19.02 11.69
N GLU A 80 -15.64 19.40 10.49
CA GLU A 80 -15.00 18.47 9.56
C GLU A 80 -13.61 18.13 10.02
N THR A 81 -13.10 16.98 9.57
CA THR A 81 -11.71 16.65 9.75
C THR A 81 -10.94 17.42 8.68
N ARG A 82 -9.61 17.31 8.68
CA ARG A 82 -8.81 17.90 7.61
C ARG A 82 -9.37 17.51 6.23
N PHE A 83 -9.92 16.31 6.14
CA PHE A 83 -10.29 15.71 4.86
C PHE A 83 -11.74 16.01 4.43
N GLY A 84 -12.60 16.35 5.39
CA GLY A 84 -13.98 16.69 5.08
C GLY A 84 -14.99 16.22 6.13
N SER A 85 -16.27 16.32 5.79
CA SER A 85 -17.34 15.92 6.70
C SER A 85 -17.62 14.42 6.58
N LYS A 86 -18.34 13.88 7.55
CA LYS A 86 -18.81 12.50 7.49
C LYS A 86 -19.64 12.27 6.21
N GLN A 87 -20.46 13.24 5.84
CA GLN A 87 -21.30 13.09 4.66
C GLN A 87 -20.47 12.93 3.38
N GLU A 88 -19.45 13.78 3.24
CA GLU A 88 -18.54 13.71 2.10
C GLU A 88 -17.78 12.38 2.05
N LEU A 89 -17.41 11.89 3.22
CA LEU A 89 -16.71 10.61 3.32
C LEU A 89 -17.62 9.50 2.83
N VAL A 90 -18.88 9.54 3.27
CA VAL A 90 -19.88 8.54 2.90
C VAL A 90 -20.12 8.55 1.40
N ASN A 91 -20.26 9.76 0.86
CA ASN A 91 -20.42 9.94 -0.57
C ASN A 91 -19.33 9.29 -1.39
N MET A 92 -18.08 9.58 -1.03
CA MET A 92 -16.93 9.01 -1.71
C MET A 92 -16.99 7.47 -1.67
N ILE A 93 -17.22 6.91 -0.49
CA ILE A 93 -17.34 5.46 -0.35
C ILE A 93 -18.42 4.91 -1.30
N ASN A 94 -19.56 5.59 -1.33
CA ASN A 94 -20.66 5.18 -2.20
C ASN A 94 -20.26 5.21 -3.66
N THR A 95 -19.51 6.24 -4.04
CA THR A 95 -19.01 6.33 -5.40
C THR A 95 -18.09 5.16 -5.70
N ALA A 96 -17.09 4.97 -4.85
CA ALA A 96 -16.19 3.84 -4.97
C ALA A 96 -16.98 2.56 -5.23
N HIS A 97 -18.04 2.33 -4.45
CA HIS A 97 -18.82 1.11 -4.58
C HIS A 97 -19.61 1.05 -5.87
N ALA A 98 -19.99 2.21 -6.40
CA ALA A 98 -20.70 2.26 -7.67
C ALA A 98 -19.78 1.82 -8.79
N TYR A 99 -18.49 1.97 -8.58
CA TYR A 99 -17.50 1.52 -9.56
C TYR A 99 -16.86 0.18 -9.20
N GLY A 100 -17.47 -0.53 -8.26
CA GLY A 100 -17.00 -1.84 -7.87
C GLY A 100 -15.62 -1.82 -7.28
N MET A 101 -15.24 -0.66 -6.73
CA MET A 101 -13.96 -0.50 -6.08
C MET A 101 -14.13 -0.62 -4.57
N LYS A 102 -13.10 -1.14 -3.90
CA LYS A 102 -13.16 -1.28 -2.45
C LYS A 102 -12.43 -0.15 -1.73
N VAL A 103 -12.87 0.11 -0.50
CA VAL A 103 -12.28 1.17 0.30
C VAL A 103 -11.57 0.56 1.51
N ILE A 104 -10.29 0.87 1.62
CA ILE A 104 -9.40 0.40 2.67
C ILE A 104 -9.18 1.54 3.67
N ALA A 105 -9.72 1.38 4.88
CA ALA A 105 -9.59 2.44 5.90
C ALA A 105 -8.23 2.37 6.59
N ASP A 106 -7.68 3.53 6.93
CA ASP A 106 -6.44 3.56 7.70
C ASP A 106 -6.82 3.51 9.19
N ILE A 107 -6.36 2.46 9.87
N ILE A 107 -6.37 2.46 9.87
CA ILE A 107 -6.70 2.20 11.27
CA ILE A 107 -6.73 2.20 11.26
C ILE A 107 -5.55 2.50 12.19
C ILE A 107 -5.58 2.47 12.22
N VAL A 108 -5.71 3.55 13.00
CA VAL A 108 -4.67 3.98 13.91
C VAL A 108 -5.11 3.67 15.35
N ILE A 109 -4.67 2.53 15.89
CA ILE A 109 -5.14 2.11 17.19
C ILE A 109 -4.02 1.81 18.20
N ASN A 110 -2.80 2.16 17.85
CA ASN A 110 -1.70 2.07 18.79
C ASN A 110 -1.83 3.10 19.92
N HIS A 111 -2.35 4.27 19.57
CA HIS A 111 -2.24 5.40 20.47
C HIS A 111 -3.40 6.35 20.24
N ARG A 112 -3.45 7.39 21.07
CA ARG A 112 -4.52 8.38 21.01
C ARG A 112 -3.93 9.72 21.43
N ALA A 113 -4.57 10.81 21.05
CA ALA A 113 -4.01 12.13 21.36
C ALA A 113 -5.10 13.17 21.59
N GLY A 114 -4.73 14.27 22.22
CA GLY A 114 -5.66 15.37 22.47
C GLY A 114 -6.50 15.21 23.72
N GLY A 115 -6.12 14.28 24.59
CA GLY A 115 -6.85 14.08 25.83
C GLY A 115 -6.47 15.15 26.83
N ASP A 116 -7.34 15.40 27.79
CA ASP A 116 -7.05 16.38 28.85
C ASP A 116 -6.14 15.78 29.92
N LEU A 117 -5.49 16.68 30.65
CA LEU A 117 -4.63 16.32 31.78
C LEU A 117 -5.43 15.79 32.98
N GLU A 118 -4.88 14.76 33.63
CA GLU A 118 -5.49 14.18 34.82
C GLU A 118 -4.40 13.52 35.64
N TRP A 119 -4.61 13.43 36.95
CA TRP A 119 -3.65 12.73 37.79
C TRP A 119 -3.61 11.27 37.39
N ASN A 120 -2.42 10.72 37.27
CA ASN A 120 -2.24 9.30 36.94
C ASN A 120 -1.51 8.54 38.04
N PRO A 121 -2.25 7.75 38.84
CA PRO A 121 -1.66 7.06 39.99
C PRO A 121 -0.49 6.17 39.57
N PHE A 122 -0.61 5.53 38.41
CA PHE A 122 0.38 4.55 37.98
C PHE A 122 1.72 5.18 37.62
N VAL A 123 1.68 6.45 37.20
CA VAL A 123 2.88 7.18 36.83
C VAL A 123 3.31 8.12 37.95
N ASN A 124 2.40 8.37 38.89
CA ASN A 124 2.65 9.32 39.96
C ASN A 124 3.00 10.68 39.35
N ASP A 125 2.19 11.07 38.38
CA ASP A 125 2.34 12.34 37.67
C ASP A 125 1.05 12.59 36.91
N TYR A 126 0.99 13.68 36.15
CA TYR A 126 -0.18 13.96 35.34
C TYR A 126 0.05 13.52 33.89
N THR A 127 -0.97 12.93 33.28
CA THR A 127 -0.90 12.51 31.88
C THR A 127 -2.13 13.01 31.11
N TRP A 128 -1.99 13.15 29.79
N TRP A 128 -1.98 13.13 29.79
CA TRP A 128 -3.07 13.63 28.93
CA TRP A 128 -3.05 13.61 28.91
C TRP A 128 -3.97 12.47 28.51
C TRP A 128 -3.96 12.45 28.50
N THR A 129 -4.54 11.78 29.50
CA THR A 129 -5.27 10.55 29.26
C THR A 129 -6.78 10.67 29.49
N ASP A 130 -7.26 11.85 29.86
CA ASP A 130 -8.69 12.08 30.11
C ASP A 130 -9.46 12.32 28.80
N PHE A 131 -10.17 11.29 28.34
CA PHE A 131 -10.94 11.37 27.09
C PHE A 131 -12.45 11.39 27.38
N SER A 132 -12.83 11.91 28.55
CA SER A 132 -14.24 11.92 28.93
C SER A 132 -15.07 12.90 28.10
N LYS A 133 -14.41 13.84 27.43
CA LYS A 133 -15.13 14.91 26.75
C LYS A 133 -15.47 14.63 25.29
N VAL A 134 -15.00 13.51 24.77
N VAL A 134 -15.02 13.50 24.76
CA VAL A 134 -15.31 13.11 23.40
CA VAL A 134 -15.26 13.19 23.34
C VAL A 134 -16.77 13.43 23.03
C VAL A 134 -16.74 13.38 22.97
N ALA A 135 -16.97 14.21 21.97
CA ALA A 135 -18.32 14.66 21.58
C ALA A 135 -19.26 13.56 21.08
N SER A 136 -18.71 12.50 20.51
CA SER A 136 -19.51 11.36 20.10
C SER A 136 -20.13 10.69 21.32
N GLY A 137 -19.48 10.85 22.47
CA GLY A 137 -19.90 10.17 23.68
C GLY A 137 -19.57 8.70 23.66
N LYS A 138 -18.75 8.27 22.70
CA LYS A 138 -18.40 6.87 22.59
C LYS A 138 -16.92 6.64 22.81
N TYR A 139 -16.58 5.53 23.46
CA TYR A 139 -15.19 5.22 23.76
C TYR A 139 -14.54 6.38 24.50
N THR A 140 -15.18 6.85 25.56
CA THR A 140 -14.47 7.69 26.51
C THR A 140 -13.37 6.82 27.08
N ALA A 141 -12.38 7.44 27.70
CA ALA A 141 -11.27 6.70 28.29
C ALA A 141 -10.54 7.54 29.30
N ASN A 142 -9.77 6.86 30.14
CA ASN A 142 -8.88 7.53 31.08
C ASN A 142 -7.56 6.77 31.22
N TYR A 143 -6.80 7.06 32.27
CA TYR A 143 -5.47 6.51 32.44
C TYR A 143 -5.45 4.98 32.45
N LEU A 144 -6.54 4.37 32.93
CA LEU A 144 -6.65 2.92 32.95
C LEU A 144 -6.50 2.30 31.55
N ASP A 145 -6.83 3.09 30.53
CA ASP A 145 -6.85 2.58 29.15
C ASP A 145 -5.52 2.72 28.43
N PHE A 146 -4.52 3.17 29.15
CA PHE A 146 -3.20 3.43 28.58
C PHE A 146 -2.07 2.82 29.41
N HIS A 147 -0.86 2.86 28.87
CA HIS A 147 0.32 2.37 29.57
C HIS A 147 1.07 3.50 30.23
N PRO A 148 1.59 3.26 31.44
CA PRO A 148 1.45 1.99 32.17
C PRO A 148 0.15 1.96 32.96
N ASN A 149 -0.31 0.76 33.32
CA ASN A 149 -1.50 0.63 34.15
C ASN A 149 -1.33 -0.53 35.13
N GLU A 150 -2.41 -0.91 35.83
CA GLU A 150 -2.34 -1.98 36.84
C GLU A 150 -2.06 -3.35 36.20
N LEU A 151 -2.39 -3.48 34.92
CA LEU A 151 -2.19 -4.71 34.18
C LEU A 151 -0.71 -4.91 33.82
N HIS A 152 -0.07 -3.86 33.31
CA HIS A 152 1.36 -3.94 32.98
C HIS A 152 1.90 -2.60 32.52
N ALA A 153 3.22 -2.50 32.44
CA ALA A 153 3.87 -1.21 32.24
C ALA A 153 3.81 -0.69 30.80
N GLY A 154 3.78 -1.61 29.84
CA GLY A 154 3.78 -1.23 28.45
C GLY A 154 3.73 -2.43 27.55
N ASP A 155 3.82 -2.18 26.25
CA ASP A 155 3.74 -3.22 25.23
C ASP A 155 4.88 -3.06 24.22
N SER A 156 4.71 -3.63 23.02
CA SER A 156 5.83 -3.74 22.08
C SER A 156 6.40 -2.41 21.53
N GLY A 157 5.66 -1.31 21.68
CA GLY A 157 6.20 -0.03 21.25
C GLY A 157 5.24 1.14 21.38
N THR A 158 5.79 2.35 21.36
CA THR A 158 4.97 3.55 21.46
C THR A 158 5.28 4.42 20.27
N PHE A 159 4.53 5.51 20.13
CA PHE A 159 4.63 6.38 18.95
C PHE A 159 4.33 7.82 19.34
N GLY A 160 5.17 8.73 18.88
CA GLY A 160 5.11 10.11 19.31
C GLY A 160 5.27 10.14 20.81
N GLY A 161 4.68 11.14 21.45
CA GLY A 161 4.57 11.11 22.89
C GLY A 161 3.15 10.76 23.23
N TYR A 162 2.43 10.16 22.27
CA TYR A 162 1.00 9.95 22.39
C TYR A 162 0.69 8.87 23.41
N PRO A 163 -0.36 9.08 24.23
CA PRO A 163 -0.81 8.02 25.13
C PRO A 163 -0.96 6.71 24.37
N ASP A 164 -0.40 5.67 24.96
CA ASP A 164 -0.29 4.37 24.32
C ASP A 164 -1.39 3.41 24.81
N ILE A 165 -2.27 3.02 23.88
CA ILE A 165 -3.47 2.26 24.21
C ILE A 165 -3.23 0.83 24.69
N CYS A 166 -3.94 0.43 25.75
CA CYS A 166 -3.87 -0.93 26.27
C CYS A 166 -5.00 -1.81 25.74
N HIS A 167 -4.70 -2.52 24.66
CA HIS A 167 -5.68 -3.37 23.98
C HIS A 167 -6.11 -4.53 24.86
N ASP A 168 -5.34 -4.79 25.92
CA ASP A 168 -5.67 -5.88 26.82
C ASP A 168 -6.81 -5.56 27.78
N LYS A 169 -7.28 -4.32 27.77
CA LYS A 169 -8.45 -3.96 28.58
C LYS A 169 -9.74 -4.21 27.81
N SER A 170 -10.66 -4.93 28.44
CA SER A 170 -11.97 -5.25 27.90
C SER A 170 -12.68 -4.02 27.29
N TRP A 171 -12.69 -2.92 28.03
CA TRP A 171 -13.28 -1.67 27.57
C TRP A 171 -12.74 -1.24 26.20
N ASP A 172 -11.42 -1.28 26.06
CA ASP A 172 -10.80 -0.87 24.82
C ASP A 172 -11.08 -1.81 23.64
N GLN A 173 -11.11 -3.12 23.90
CA GLN A 173 -11.48 -4.10 22.88
C GLN A 173 -12.91 -3.87 22.40
N TYR A 174 -13.83 -3.75 23.34
CA TYR A 174 -15.24 -3.53 23.04
C TYR A 174 -15.45 -2.35 22.11
N TRP A 175 -14.79 -1.23 22.42
CA TRP A 175 -14.98 0.01 21.66
C TRP A 175 -14.24 0.05 20.35
N LEU A 176 -13.11 -0.64 20.24
CA LEU A 176 -12.34 -0.61 19.01
C LEU A 176 -12.88 -1.59 17.97
N TRP A 177 -13.22 -2.82 18.38
CA TRP A 177 -13.70 -3.81 17.41
C TRP A 177 -14.63 -4.90 17.97
N ALA A 178 -14.53 -5.18 19.26
CA ALA A 178 -15.23 -6.36 19.78
C ALA A 178 -16.66 -6.08 20.25
N SER A 179 -17.46 -5.47 19.39
CA SER A 179 -18.88 -5.26 19.66
C SER A 179 -19.56 -4.66 18.45
N GLN A 180 -20.89 -4.67 18.44
CA GLN A 180 -21.66 -4.13 17.31
C GLN A 180 -21.67 -2.62 17.34
N GLU A 181 -21.12 -2.08 18.42
CA GLU A 181 -21.09 -0.64 18.62
C GLU A 181 -19.66 -0.10 18.40
N SER A 182 -18.74 -1.02 18.13
CA SER A 182 -17.32 -0.66 18.02
C SER A 182 -17.00 0.28 16.86
N TYR A 183 -15.77 0.77 16.84
CA TYR A 183 -15.24 1.61 15.79
C TYR A 183 -15.18 0.82 14.47
N ALA A 184 -14.63 -0.39 14.53
CA ALA A 184 -14.70 -1.31 13.38
C ALA A 184 -16.12 -1.45 12.81
N ALA A 185 -17.09 -1.66 13.69
CA ALA A 185 -18.48 -1.86 13.26
C ALA A 185 -19.01 -0.61 12.60
N TYR A 186 -18.58 0.54 13.11
CA TYR A 186 -19.04 1.83 12.62
C TYR A 186 -18.50 2.08 11.22
N LEU A 187 -17.21 1.82 11.01
CA LEU A 187 -16.61 1.95 9.69
C LEU A 187 -17.28 1.01 8.69
N ARG A 188 -17.46 -0.23 9.11
CA ARG A 188 -18.09 -1.24 8.31
C ARG A 188 -19.51 -0.82 7.95
N SER A 189 -20.20 -0.16 8.87
CA SER A 189 -21.59 0.24 8.62
C SER A 189 -21.72 1.34 7.55
N ILE A 190 -20.67 2.12 7.34
CA ILE A 190 -20.72 3.16 6.32
C ILE A 190 -20.05 2.71 5.03
N GLY A 191 -19.70 1.43 4.96
CA GLY A 191 -19.24 0.83 3.72
C GLY A 191 -17.75 0.53 3.60
N ILE A 192 -16.98 0.71 4.68
CA ILE A 192 -15.56 0.36 4.63
C ILE A 192 -15.41 -1.14 4.41
N ASP A 193 -14.67 -1.52 3.39
CA ASP A 193 -14.49 -2.92 3.05
C ASP A 193 -13.31 -3.54 3.75
N ALA A 194 -12.19 -2.81 3.75
CA ALA A 194 -10.91 -3.42 4.08
C ALA A 194 -10.08 -2.50 4.98
N TRP A 195 -8.89 -2.96 5.34
CA TRP A 195 -8.15 -2.36 6.45
C TRP A 195 -6.66 -2.21 6.22
N ARG A 196 -6.11 -1.09 6.67
CA ARG A 196 -4.68 -0.84 6.70
C ARG A 196 -4.36 -0.42 8.12
N PHE A 197 -3.64 -1.29 8.86
CA PHE A 197 -3.34 -1.06 10.26
C PHE A 197 -2.03 -0.31 10.42
N ASP A 198 -2.10 0.88 11.01
CA ASP A 198 -0.94 1.74 11.27
C ASP A 198 -0.03 1.22 12.38
N TYR A 199 1.27 1.23 12.15
CA TYR A 199 2.27 0.95 13.18
C TYR A 199 1.98 -0.33 13.98
N VAL A 200 1.86 -1.47 13.30
CA VAL A 200 1.54 -2.71 13.98
C VAL A 200 2.72 -3.23 14.82
N LYS A 201 3.87 -2.57 14.72
CA LYS A 201 4.99 -2.87 15.62
C LYS A 201 4.66 -2.44 17.05
N GLY A 202 3.67 -1.58 17.18
CA GLY A 202 3.32 -1.00 18.46
C GLY A 202 2.49 -1.88 19.38
N TYR A 203 1.91 -2.95 18.87
CA TYR A 203 1.09 -3.81 19.72
C TYR A 203 1.02 -5.21 19.15
N ALA A 204 0.41 -6.14 19.87
CA ALA A 204 0.46 -7.56 19.49
C ALA A 204 -0.38 -7.89 18.26
N PRO A 205 0.09 -8.87 17.45
CA PRO A 205 -0.64 -9.36 16.29
C PRO A 205 -2.03 -9.96 16.64
N TRP A 206 -2.26 -10.38 17.88
CA TRP A 206 -3.58 -10.94 18.26
C TRP A 206 -4.68 -9.89 18.13
N VAL A 207 -4.32 -8.62 18.29
CA VAL A 207 -5.29 -7.53 18.12
C VAL A 207 -5.88 -7.55 16.70
N VAL A 208 -5.00 -7.53 15.70
CA VAL A 208 -5.43 -7.56 14.32
C VAL A 208 -6.16 -8.88 14.00
N LYS A 209 -5.63 -9.99 14.50
CA LYS A 209 -6.30 -11.30 14.34
C LYS A 209 -7.75 -11.27 14.82
N ASP A 210 -7.97 -10.79 16.05
CA ASP A 210 -9.32 -10.75 16.60
C ASP A 210 -10.23 -9.75 15.86
N TRP A 211 -9.66 -8.60 15.47
CA TRP A 211 -10.37 -7.65 14.62
C TRP A 211 -10.90 -8.33 13.34
N LEU A 212 -10.03 -9.06 12.65
CA LEU A 212 -10.42 -9.77 11.43
C LEU A 212 -11.36 -10.95 11.70
N ASN A 213 -11.24 -11.57 12.87
CA ASN A 213 -12.18 -12.63 13.26
C ASN A 213 -13.60 -12.07 13.35
N TRP A 214 -13.72 -10.87 13.91
CA TRP A 214 -15.01 -10.21 14.01
C TRP A 214 -15.52 -9.74 12.66
N TRP A 215 -14.67 -9.05 11.90
CA TRP A 215 -15.14 -8.28 10.75
C TRP A 215 -14.70 -8.76 9.37
N GLY A 216 -13.69 -9.61 9.31
CA GLY A 216 -13.22 -10.07 8.01
C GLY A 216 -12.75 -8.91 7.17
N GLY A 217 -12.57 -9.15 5.87
CA GLY A 217 -12.11 -8.14 4.94
C GLY A 217 -10.62 -8.22 4.68
N TRP A 218 -10.20 -7.83 3.49
CA TRP A 218 -8.78 -7.77 3.15
C TRP A 218 -8.09 -6.85 4.15
N ALA A 219 -6.85 -7.17 4.54
CA ALA A 219 -6.13 -6.36 5.50
C ALA A 219 -4.64 -6.36 5.27
N VAL A 220 -4.01 -5.20 5.48
CA VAL A 220 -2.55 -5.12 5.46
C VAL A 220 -2.05 -4.40 6.71
N GLY A 221 -0.92 -4.85 7.26
CA GLY A 221 -0.31 -4.18 8.39
C GLY A 221 0.94 -3.42 7.99
N GLU A 222 1.15 -2.24 8.57
CA GLU A 222 2.39 -1.51 8.35
C GLU A 222 3.40 -1.93 9.41
N TYR A 223 4.24 -2.89 9.05
CA TYR A 223 5.28 -3.39 9.93
C TYR A 223 6.61 -2.90 9.36
N TRP A 224 7.07 -1.75 9.82
CA TRP A 224 8.21 -1.11 9.17
C TRP A 224 9.54 -1.70 9.61
N ASP A 225 9.98 -2.72 8.88
CA ASP A 225 11.18 -3.47 9.23
C ASP A 225 11.65 -4.19 7.98
N THR A 226 12.97 -4.26 7.81
CA THR A 226 13.56 -4.94 6.66
C THR A 226 13.81 -6.40 6.98
N ASN A 227 13.61 -6.77 8.23
CA ASN A 227 13.76 -8.15 8.69
C ASN A 227 12.55 -8.96 8.25
N VAL A 228 12.69 -9.65 7.13
CA VAL A 228 11.59 -10.40 6.54
C VAL A 228 11.03 -11.46 7.50
N ASP A 229 11.90 -12.09 8.28
CA ASP A 229 11.45 -13.07 9.26
C ASP A 229 10.43 -12.44 10.21
N ALA A 230 10.75 -11.26 10.72
CA ALA A 230 9.90 -10.63 11.71
C ALA A 230 8.60 -10.14 11.06
N VAL A 231 8.71 -9.65 9.84
CA VAL A 231 7.53 -9.17 9.13
C VAL A 231 6.55 -10.32 8.86
N LEU A 232 7.06 -11.44 8.38
CA LEU A 232 6.18 -12.56 8.01
C LEU A 232 5.60 -13.23 9.25
N ASN A 233 6.41 -13.35 10.30
CA ASN A 233 5.89 -13.86 11.57
C ASN A 233 4.66 -13.10 12.00
N TRP A 234 4.71 -11.78 11.88
CA TRP A 234 3.59 -10.94 12.25
C TRP A 234 2.43 -11.20 11.29
N ALA A 235 2.74 -11.31 9.99
CA ALA A 235 1.72 -11.54 8.99
C ALA A 235 1.00 -12.86 9.25
N TYR A 236 1.76 -13.91 9.57
CA TYR A 236 1.12 -15.20 9.79
C TYR A 236 0.39 -15.24 11.12
N SER A 237 0.88 -14.47 12.10
CA SER A 237 0.21 -14.38 13.41
C SER A 237 -1.10 -13.62 13.34
N SER A 238 -1.07 -12.48 12.65
CA SER A 238 -2.23 -11.59 12.54
C SER A 238 -3.25 -12.07 11.50
N GLY A 239 -2.76 -12.77 10.48
CA GLY A 239 -3.59 -13.19 9.36
C GLY A 239 -3.66 -12.13 8.26
N ALA A 240 -2.97 -11.02 8.48
CA ALA A 240 -3.01 -9.91 7.54
C ALA A 240 -1.84 -9.94 6.56
N LYS A 241 -1.95 -9.15 5.50
CA LYS A 241 -0.85 -8.90 4.59
C LYS A 241 0.13 -7.89 5.21
N VAL A 242 1.26 -7.67 4.54
CA VAL A 242 2.27 -6.75 5.04
C VAL A 242 2.89 -5.92 3.94
N PHE A 243 3.19 -4.66 4.22
CA PHE A 243 3.90 -3.82 3.27
C PHE A 243 5.35 -4.30 3.10
N ASP A 244 5.84 -4.30 1.88
CA ASP A 244 7.19 -4.82 1.60
C ASP A 244 8.26 -3.73 1.70
N PHE A 245 8.61 -3.34 2.92
CA PHE A 245 9.64 -2.32 3.12
C PHE A 245 10.98 -2.87 2.64
N ALA A 246 11.18 -4.16 2.82
CA ALA A 246 12.44 -4.80 2.43
C ALA A 246 12.70 -4.63 0.93
N LEU A 247 11.67 -4.89 0.13
CA LEU A 247 11.78 -4.70 -1.32
C LEU A 247 12.06 -3.24 -1.63
N TYR A 248 11.30 -2.37 -0.98
CA TYR A 248 11.43 -0.92 -1.14
C TYR A 248 12.88 -0.43 -1.03
N TYR A 249 13.57 -0.74 0.07
CA TYR A 249 14.94 -0.30 0.22
C TYR A 249 15.88 -0.96 -0.78
N LYS A 250 15.55 -2.20 -1.17
CA LYS A 250 16.35 -2.90 -2.17
C LYS A 250 16.19 -2.30 -3.57
N MET A 251 15.00 -1.81 -3.87
CA MET A 251 14.78 -1.17 -5.17
C MET A 251 15.51 0.16 -5.24
N ASP A 252 15.55 0.85 -4.11
CA ASP A 252 16.34 2.06 -3.99
C ASP A 252 17.82 1.77 -4.22
N GLU A 253 18.35 0.82 -3.47
CA GLU A 253 19.74 0.40 -3.63
C GLU A 253 20.07 0.10 -5.10
N ALA A 254 19.17 -0.62 -5.78
CA ALA A 254 19.42 -1.06 -7.16
C ALA A 254 19.20 0.02 -8.22
N PHE A 255 17.99 0.58 -8.26
CA PHE A 255 17.60 1.48 -9.34
C PHE A 255 18.16 2.91 -9.22
N ASP A 256 18.50 3.33 -8.00
CA ASP A 256 19.08 4.66 -7.83
C ASP A 256 20.60 4.67 -7.91
N ASN A 257 21.21 3.50 -8.08
CA ASN A 257 22.67 3.39 -8.05
C ASN A 257 23.26 2.47 -9.14
N LYS A 258 22.44 2.09 -10.11
CA LYS A 258 22.85 1.10 -11.09
C LYS A 258 23.49 -0.10 -10.41
N ASN A 259 22.75 -0.77 -9.54
CA ASN A 259 23.25 -1.91 -8.81
C ASN A 259 22.17 -2.98 -8.73
N ILE A 260 21.65 -3.35 -9.90
CA ILE A 260 20.62 -4.38 -10.01
C ILE A 260 20.96 -5.69 -9.28
N PRO A 261 22.24 -6.08 -9.23
CA PRO A 261 22.60 -7.28 -8.47
C PRO A 261 22.18 -7.23 -7.00
N ALA A 262 22.09 -6.04 -6.41
CA ALA A 262 21.61 -5.94 -5.03
C ALA A 262 20.14 -6.34 -4.93
N LEU A 263 19.33 -6.01 -5.92
CA LEU A 263 17.94 -6.40 -5.92
C LEU A 263 17.82 -7.92 -6.18
N VAL A 264 18.50 -8.41 -7.22
CA VAL A 264 18.43 -9.83 -7.57
C VAL A 264 18.87 -10.71 -6.39
N SER A 265 19.97 -10.34 -5.77
CA SER A 265 20.48 -11.05 -4.61
C SER A 265 19.44 -11.08 -3.48
N ALA A 266 18.82 -9.95 -3.19
CA ALA A 266 17.78 -9.92 -2.16
C ALA A 266 16.59 -10.81 -2.52
N LEU A 267 16.18 -10.81 -3.80
CA LEU A 267 15.08 -11.66 -4.22
C LEU A 267 15.44 -13.14 -4.04
N GLN A 268 16.60 -13.52 -4.56
CA GLN A 268 17.04 -14.91 -4.50
C GLN A 268 17.25 -15.44 -3.09
N ASN A 269 17.74 -14.57 -2.19
CA ASN A 269 18.04 -14.97 -0.82
C ASN A 269 16.89 -14.78 0.18
N GLY A 270 15.69 -14.49 -0.31
CA GLY A 270 14.55 -14.28 0.55
C GLY A 270 14.68 -13.07 1.48
N GLN A 271 15.31 -12.01 0.99
N GLN A 271 15.31 -12.01 0.97
CA GLN A 271 15.47 -10.79 1.75
CA GLN A 271 15.47 -10.79 1.75
C GLN A 271 14.48 -9.72 1.29
C GLN A 271 14.47 -9.72 1.31
N THR A 272 13.39 -10.17 0.69
CA THR A 272 12.24 -9.33 0.42
C THR A 272 11.00 -10.10 0.87
N VAL A 273 9.90 -9.40 1.11
CA VAL A 273 8.70 -10.11 1.51
C VAL A 273 8.14 -10.86 0.29
N VAL A 274 8.12 -10.18 -0.84
CA VAL A 274 7.56 -10.73 -2.07
C VAL A 274 8.24 -12.02 -2.51
N SER A 275 9.57 -12.09 -2.41
CA SER A 275 10.26 -13.31 -2.84
C SER A 275 10.13 -14.44 -1.83
N ARG A 276 9.62 -14.15 -0.63
CA ARG A 276 9.35 -15.21 0.33
C ARG A 276 7.89 -15.63 0.39
N ASP A 277 6.99 -14.66 0.30
CA ASP A 277 5.57 -14.96 0.20
C ASP A 277 4.85 -13.87 -0.60
N PRO A 278 4.70 -14.10 -1.91
CA PRO A 278 4.06 -13.13 -2.81
C PRO A 278 2.55 -12.95 -2.51
N PHE A 279 2.00 -13.79 -1.64
CA PHE A 279 0.59 -13.68 -1.30
C PHE A 279 0.39 -12.79 -0.06
N LYS A 280 1.50 -12.42 0.56
CA LYS A 280 1.48 -11.55 1.74
C LYS A 280 2.04 -10.17 1.43
N ALA A 281 2.94 -10.08 0.44
CA ALA A 281 3.66 -8.84 0.17
C ALA A 281 2.80 -7.81 -0.54
N VAL A 282 2.67 -6.64 0.06
CA VAL A 282 2.05 -5.50 -0.60
C VAL A 282 3.18 -4.51 -0.93
N THR A 283 3.43 -4.34 -2.22
CA THR A 283 4.63 -3.67 -2.72
C THR A 283 4.33 -2.23 -3.05
N PHE A 284 5.35 -1.38 -3.08
CA PHE A 284 5.13 0.05 -3.31
C PHE A 284 6.45 0.71 -3.67
N VAL A 285 6.35 1.84 -4.34
CA VAL A 285 7.52 2.64 -4.74
C VAL A 285 7.71 3.85 -3.82
N ALA A 286 6.61 4.35 -3.26
CA ALA A 286 6.64 5.42 -2.26
C ALA A 286 5.36 5.37 -1.44
N ASN A 287 5.40 5.99 -0.26
CA ASN A 287 4.21 6.27 0.50
C ASN A 287 4.32 7.64 1.19
N HIS A 288 3.34 7.95 2.04
CA HIS A 288 3.25 9.26 2.70
C HIS A 288 4.35 9.48 3.76
N ASP A 289 4.98 8.41 4.21
CA ASP A 289 6.05 8.51 5.23
C ASP A 289 7.44 8.53 4.65
N THR A 290 7.61 7.96 3.45
CA THR A 290 8.95 7.77 2.88
C THR A 290 8.93 7.70 1.35
N ASP A 291 9.88 8.39 0.74
CA ASP A 291 9.93 8.53 -0.70
C ASP A 291 11.38 8.71 -1.10
N ILE A 292 12.17 7.64 -1.05
CA ILE A 292 13.61 7.76 -1.33
C ILE A 292 14.05 7.31 -2.73
N ILE A 293 13.14 6.74 -3.52
CA ILE A 293 13.51 6.27 -4.85
C ILE A 293 13.30 7.38 -5.90
N TRP A 294 14.38 7.94 -6.43
CA TRP A 294 14.22 8.92 -7.52
C TRP A 294 13.92 8.24 -8.85
N ASN A 295 14.48 7.04 -9.06
CA ASN A 295 14.34 6.32 -10.32
C ASN A 295 13.08 5.48 -10.34
N LYS A 296 11.94 6.16 -10.39
CA LYS A 296 10.65 5.53 -10.19
C LYS A 296 10.14 4.70 -11.38
N TYR A 297 10.47 5.09 -12.60
CA TYR A 297 9.99 4.32 -13.77
C TYR A 297 10.37 2.82 -13.73
N PRO A 298 11.64 2.51 -13.51
CA PRO A 298 11.96 1.08 -13.39
C PRO A 298 11.34 0.44 -12.13
N ALA A 299 11.23 1.22 -11.06
CA ALA A 299 10.65 0.72 -9.83
C ALA A 299 9.17 0.36 -10.04
N TYR A 300 8.45 1.18 -10.79
CA TYR A 300 7.05 0.90 -11.08
C TYR A 300 6.90 -0.22 -12.12
N ALA A 301 7.80 -0.22 -13.09
CA ALA A 301 7.84 -1.30 -14.07
C ALA A 301 8.06 -2.62 -13.32
N PHE A 302 8.93 -2.59 -12.32
CA PHE A 302 9.17 -3.78 -11.54
C PHE A 302 7.94 -4.27 -10.76
N ILE A 303 7.35 -3.41 -9.92
CA ILE A 303 6.27 -3.89 -9.07
C ILE A 303 4.98 -4.17 -9.83
N LEU A 304 4.80 -3.57 -11.00
CA LEU A 304 3.61 -3.86 -11.79
C LEU A 304 3.77 -5.08 -12.75
N THR A 305 4.97 -5.66 -12.83
CA THR A 305 5.14 -6.87 -13.65
C THR A 305 5.62 -8.05 -12.82
N TYR A 306 6.23 -7.77 -11.68
CA TYR A 306 6.70 -8.84 -10.80
C TYR A 306 5.53 -9.39 -9.96
N GLU A 307 5.83 -10.38 -9.12
CA GLU A 307 4.84 -10.93 -8.19
C GLU A 307 4.47 -9.92 -7.10
N GLY A 308 3.49 -10.25 -6.28
CA GLY A 308 3.07 -9.41 -5.16
C GLY A 308 1.81 -8.61 -5.46
N GLN A 309 1.42 -7.71 -4.56
CA GLN A 309 0.23 -6.87 -4.77
C GLN A 309 0.63 -5.42 -4.71
N PRO A 310 0.69 -4.76 -5.86
CA PRO A 310 1.29 -3.42 -5.97
C PRO A 310 0.39 -2.27 -5.54
N THR A 311 0.99 -1.24 -4.98
CA THR A 311 0.29 -0.01 -4.58
C THR A 311 0.83 1.15 -5.39
N ILE A 312 -0.06 2.00 -5.90
CA ILE A 312 0.33 3.22 -6.61
C ILE A 312 0.31 4.41 -5.66
N PHE A 313 1.37 5.22 -5.66
CA PHE A 313 1.41 6.38 -4.77
C PHE A 313 0.72 7.58 -5.45
N TYR A 314 -0.22 8.21 -4.74
CA TYR A 314 -1.05 9.28 -5.27
C TYR A 314 -0.27 10.31 -6.08
N ARG A 315 0.79 10.83 -5.47
CA ARG A 315 1.60 11.89 -6.05
C ARG A 315 2.25 11.47 -7.36
N ASP A 316 2.79 10.24 -7.37
CA ASP A 316 3.43 9.70 -8.56
C ASP A 316 2.46 9.64 -9.73
N TYR A 317 1.26 9.13 -9.48
CA TYR A 317 0.27 8.94 -10.53
C TYR A 317 -0.35 10.27 -10.98
N GLU A 318 -0.67 11.13 -10.02
CA GLU A 318 -1.43 12.35 -10.30
C GLU A 318 -0.55 13.55 -10.62
N GLU A 319 0.72 13.52 -10.22
CA GLU A 319 1.57 14.69 -10.42
C GLU A 319 2.92 14.45 -11.10
N TRP A 320 3.68 13.46 -10.65
CA TRP A 320 5.12 13.43 -10.94
C TRP A 320 5.53 12.63 -12.17
N LEU A 321 4.90 11.48 -12.37
CA LEU A 321 5.24 10.63 -13.50
C LEU A 321 4.21 10.80 -14.62
N ASN A 322 4.52 10.26 -15.79
CA ASN A 322 3.56 10.26 -16.90
C ASN A 322 2.42 9.29 -16.60
N LYS A 323 1.23 9.85 -16.39
CA LYS A 323 0.09 9.06 -15.96
C LYS A 323 -0.20 7.92 -16.92
N ASP A 324 -0.14 8.22 -18.21
CA ASP A 324 -0.45 7.22 -19.24
C ASP A 324 0.52 6.02 -19.20
N LYS A 325 1.79 6.28 -18.88
CA LYS A 325 2.75 5.19 -18.70
C LYS A 325 2.38 4.28 -17.52
N LEU A 326 1.81 4.87 -16.48
CA LEU A 326 1.37 4.07 -15.33
C LEU A 326 0.08 3.30 -15.62
N LYS A 327 -0.85 3.93 -16.34
CA LYS A 327 -2.06 3.27 -16.82
C LYS A 327 -1.66 2.05 -17.63
N ASN A 328 -0.64 2.23 -18.46
CA ASN A 328 -0.16 1.14 -19.30
C ASN A 328 0.35 -0.01 -18.44
N LEU A 329 1.17 0.31 -17.45
CA LEU A 329 1.72 -0.71 -16.57
C LEU A 329 0.61 -1.41 -15.79
N ILE A 330 -0.42 -0.65 -15.37
CA ILE A 330 -1.53 -1.27 -14.67
C ILE A 330 -2.25 -2.22 -15.63
N TRP A 331 -2.45 -1.77 -16.86
CA TRP A 331 -3.02 -2.65 -17.87
C TRP A 331 -2.20 -3.93 -18.00
N ILE A 332 -0.89 -3.78 -18.08
CA ILE A 332 -0.03 -4.96 -18.20
C ILE A 332 -0.18 -5.87 -16.99
N HIS A 333 -0.23 -5.27 -15.80
CA HIS A 333 -0.34 -6.07 -14.59
C HIS A 333 -1.61 -6.93 -14.59
N GLU A 334 -2.71 -6.35 -15.07
CA GLU A 334 -4.01 -7.01 -14.98
C GLU A 334 -4.30 -7.92 -16.17
N ASN A 335 -3.58 -7.74 -17.27
CA ASN A 335 -3.85 -8.57 -18.47
C ASN A 335 -2.77 -9.60 -18.78
N LEU A 336 -1.53 -9.37 -18.34
CA LEU A 336 -0.43 -10.26 -18.70
C LEU A 336 0.26 -10.94 -17.52
N ALA A 337 0.52 -10.17 -16.45
CA ALA A 337 1.32 -10.65 -15.33
C ALA A 337 0.66 -11.82 -14.64
N GLY A 338 1.40 -12.91 -14.46
CA GLY A 338 0.88 -14.02 -13.69
C GLY A 338 1.90 -15.11 -13.71
N GLY A 339 1.82 -16.01 -12.74
CA GLY A 339 2.68 -17.18 -12.71
C GLY A 339 3.96 -17.00 -11.91
N SER A 340 4.76 -18.06 -11.90
CA SER A 340 6.06 -18.05 -11.28
C SER A 340 7.04 -17.19 -12.09
N THR A 341 8.25 -17.03 -11.57
CA THR A 341 9.17 -16.07 -12.17
C THR A 341 10.54 -16.68 -12.30
N ASP A 342 11.18 -16.41 -13.43
CA ASP A 342 12.57 -16.80 -13.62
C ASP A 342 13.31 -15.57 -14.07
N ILE A 343 14.46 -15.33 -13.45
CA ILE A 343 15.36 -14.28 -13.86
C ILE A 343 16.21 -14.76 -15.04
N VAL A 344 16.10 -14.06 -16.17
CA VAL A 344 16.69 -14.51 -17.42
C VAL A 344 18.10 -13.96 -17.60
N TYR A 345 18.29 -12.72 -17.18
CA TYR A 345 19.59 -12.07 -17.26
C TYR A 345 19.61 -10.90 -16.29
N TYR A 346 20.78 -10.59 -15.76
CA TYR A 346 20.94 -9.38 -14.97
C TYR A 346 22.41 -9.00 -14.92
N ASP A 347 22.66 -7.70 -14.82
CA ASP A 347 23.99 -7.19 -14.48
C ASP A 347 23.79 -5.83 -13.82
N ASN A 348 24.84 -5.02 -13.73
N ASN A 348 24.84 -5.03 -13.74
CA ASN A 348 24.73 -3.74 -13.02
CA ASN A 348 24.76 -3.74 -13.03
C ASN A 348 23.54 -2.88 -13.46
C ASN A 348 23.56 -2.88 -13.46
N ASP A 349 23.32 -2.77 -14.76
CA ASP A 349 22.25 -1.92 -15.27
C ASP A 349 21.10 -2.60 -16.05
N GLU A 350 21.09 -3.93 -16.10
CA GLU A 350 20.02 -4.65 -16.81
C GLU A 350 19.37 -5.73 -15.97
N LEU A 351 18.06 -5.89 -16.17
CA LEU A 351 17.30 -6.92 -15.49
C LEU A 351 16.23 -7.44 -16.46
N ILE A 352 16.29 -8.72 -16.75
CA ILE A 352 15.27 -9.36 -17.54
C ILE A 352 14.72 -10.54 -16.75
N PHE A 353 13.40 -10.62 -16.64
CA PHE A 353 12.77 -11.79 -16.03
C PHE A 353 11.51 -12.15 -16.80
N VAL A 354 11.08 -13.39 -16.65
CA VAL A 354 9.88 -13.91 -17.30
C VAL A 354 8.83 -14.28 -16.26
N ARG A 355 7.58 -13.92 -16.51
CA ARG A 355 6.48 -14.43 -15.71
C ARG A 355 5.84 -15.53 -16.53
N ASN A 356 5.68 -16.71 -15.93
CA ASN A 356 5.34 -17.91 -16.70
C ASN A 356 3.86 -18.11 -16.95
N GLY A 357 3.02 -17.23 -16.39
CA GLY A 357 1.60 -17.27 -16.69
C GLY A 357 0.80 -18.10 -15.72
N TYR A 358 -0.47 -17.78 -15.60
CA TYR A 358 -1.34 -18.46 -14.67
C TYR A 358 -2.79 -18.13 -14.99
N GLY A 359 -3.70 -19.11 -14.86
CA GLY A 359 -5.09 -18.86 -15.22
C GLY A 359 -5.29 -18.30 -16.63
N ASP A 360 -5.97 -17.16 -16.74
CA ASP A 360 -6.21 -16.46 -18.00
C ASP A 360 -5.00 -15.64 -18.46
N LYS A 361 -4.07 -15.38 -17.55
CA LYS A 361 -2.94 -14.51 -17.83
C LYS A 361 -1.77 -15.24 -18.46
N PRO A 362 -1.42 -14.84 -19.69
CA PRO A 362 -0.40 -15.51 -20.51
C PRO A 362 1.00 -15.49 -19.89
N GLY A 363 1.31 -14.48 -19.08
CA GLY A 363 2.68 -14.30 -18.60
C GLY A 363 3.35 -13.22 -19.43
N LEU A 364 4.65 -13.00 -19.21
CA LEU A 364 5.33 -11.89 -19.86
C LEU A 364 6.83 -11.95 -19.66
N ILE A 365 7.54 -11.05 -20.33
CA ILE A 365 8.97 -10.84 -20.14
C ILE A 365 9.17 -9.35 -19.90
N THR A 366 9.84 -9.01 -18.80
CA THR A 366 10.19 -7.64 -18.49
C THR A 366 11.68 -7.41 -18.71
N TYR A 367 12.02 -6.27 -19.31
CA TYR A 367 13.39 -5.94 -19.61
C TYR A 367 13.64 -4.50 -19.13
N ILE A 368 14.35 -4.38 -18.01
CA ILE A 368 14.72 -3.08 -17.44
C ILE A 368 16.15 -2.73 -17.81
N ASN A 369 16.33 -1.50 -18.26
CA ASN A 369 17.63 -1.00 -18.67
C ASN A 369 17.87 0.35 -18.01
N LEU A 370 18.90 0.44 -17.17
CA LEU A 370 19.18 1.70 -16.46
C LEU A 370 20.17 2.55 -17.25
N GLY A 371 20.78 1.96 -18.27
CA GLY A 371 21.80 2.63 -19.06
C GLY A 371 21.28 3.76 -19.94
N SER A 372 22.20 4.60 -20.41
CA SER A 372 21.82 5.78 -21.17
C SER A 372 21.71 5.48 -22.66
N SER A 373 21.99 4.23 -23.03
CA SER A 373 21.82 3.80 -24.41
C SER A 373 20.84 2.67 -24.51
N LYS A 374 20.27 2.51 -25.71
CA LYS A 374 19.37 1.42 -26.02
C LYS A 374 20.08 0.09 -25.75
N ALA A 375 19.35 -0.89 -25.23
CA ALA A 375 19.93 -2.16 -24.83
C ALA A 375 19.29 -3.30 -25.61
N GLY A 376 20.10 -4.29 -25.97
CA GLY A 376 19.63 -5.46 -26.67
C GLY A 376 20.53 -6.63 -26.36
N ARG A 377 20.01 -7.85 -26.46
CA ARG A 377 20.66 -9.01 -25.86
C ARG A 377 19.98 -10.29 -26.32
N TRP A 378 20.76 -11.31 -26.64
CA TRP A 378 20.20 -12.65 -26.86
C TRP A 378 19.82 -13.28 -25.52
N VAL A 379 18.56 -13.66 -25.36
CA VAL A 379 18.14 -14.34 -24.14
C VAL A 379 17.37 -15.61 -24.45
N TYR A 380 17.52 -16.59 -23.56
CA TYR A 380 16.85 -17.87 -23.67
C TYR A 380 15.57 -17.81 -22.84
N VAL A 381 14.43 -17.86 -23.51
N VAL A 381 14.43 -17.86 -23.51
CA VAL A 381 13.15 -17.80 -22.82
CA VAL A 381 13.14 -17.78 -22.85
C VAL A 381 12.21 -18.86 -23.39
C VAL A 381 12.20 -18.87 -23.40
N PRO A 382 12.41 -20.12 -22.96
CA PRO A 382 11.68 -21.26 -23.53
C PRO A 382 10.17 -21.17 -23.34
N LYS A 383 9.68 -20.41 -22.37
CA LYS A 383 8.23 -20.26 -22.23
C LYS A 383 7.62 -19.79 -23.55
N PHE A 384 8.33 -18.90 -24.23
CA PHE A 384 7.80 -18.28 -25.44
C PHE A 384 8.36 -18.90 -26.72
N ALA A 385 9.03 -20.04 -26.58
CA ALA A 385 9.60 -20.76 -27.73
C ALA A 385 8.59 -20.94 -28.86
N GLY A 386 9.01 -20.57 -30.08
CA GLY A 386 8.18 -20.72 -31.27
C GLY A 386 6.99 -19.76 -31.36
N ALA A 387 7.05 -18.66 -30.62
CA ALA A 387 5.92 -17.73 -30.60
C ALA A 387 6.28 -16.34 -31.10
N CYS A 388 5.33 -15.74 -31.78
CA CYS A 388 5.32 -14.30 -31.99
C CYS A 388 5.15 -13.61 -30.62
N ILE A 389 6.05 -12.68 -30.31
CA ILE A 389 5.84 -11.84 -29.12
C ILE A 389 5.74 -10.37 -29.51
N HIS A 390 4.95 -9.64 -28.72
CA HIS A 390 4.65 -8.25 -29.00
C HIS A 390 5.09 -7.39 -27.81
N GLU A 391 5.55 -6.18 -28.08
CA GLU A 391 6.01 -5.29 -27.01
C GLU A 391 4.83 -4.40 -26.60
N TYR A 392 4.49 -4.44 -25.32
CA TYR A 392 3.20 -3.88 -24.86
C TYR A 392 3.23 -2.48 -24.24
N THR A 393 4.38 -1.83 -24.17
CA THR A 393 4.45 -0.48 -23.59
C THR A 393 4.50 0.62 -24.64
N GLY A 394 4.99 0.28 -25.83
CA GLY A 394 5.26 1.26 -26.85
C GLY A 394 6.60 1.95 -26.67
N ASN A 395 7.36 1.54 -25.66
CA ASN A 395 8.60 2.25 -25.31
C ASN A 395 9.74 2.16 -26.32
N LEU A 396 9.62 1.28 -27.31
CA LEU A 396 10.63 1.19 -28.37
C LEU A 396 10.30 2.10 -29.56
N GLY A 397 9.21 2.84 -29.46
CA GLY A 397 8.88 3.83 -30.47
C GLY A 397 7.66 3.54 -31.32
N GLY A 398 6.96 2.46 -30.98
CA GLY A 398 5.74 2.11 -31.69
C GLY A 398 5.43 0.62 -31.62
N TRP A 399 4.91 0.09 -32.72
CA TRP A 399 4.54 -1.31 -32.80
C TRP A 399 5.78 -2.15 -33.07
N VAL A 400 6.09 -3.06 -32.16
CA VAL A 400 7.21 -3.96 -32.33
C VAL A 400 6.85 -5.40 -31.98
N ASP A 401 6.99 -6.29 -32.96
CA ASP A 401 6.88 -7.74 -32.74
C ASP A 401 8.24 -8.37 -32.95
N LYS A 402 8.45 -9.51 -32.31
CA LYS A 402 9.64 -10.32 -32.54
C LYS A 402 9.22 -11.79 -32.49
N TYR A 403 10.05 -12.67 -33.03
CA TYR A 403 9.77 -14.09 -33.05
C TYR A 403 10.76 -14.82 -32.13
N VAL A 404 10.23 -15.58 -31.18
CA VAL A 404 11.04 -16.40 -30.31
C VAL A 404 11.18 -17.76 -30.99
N TYR A 405 12.40 -18.13 -31.34
CA TYR A 405 12.65 -19.37 -32.06
C TYR A 405 12.28 -20.59 -31.23
N SER A 406 12.09 -21.71 -31.91
CA SER A 406 11.76 -22.96 -31.25
C SER A 406 12.83 -23.33 -30.23
N SER A 407 14.05 -22.87 -30.48
CA SER A 407 15.15 -23.07 -29.56
C SER A 407 14.97 -22.32 -28.23
N GLY A 408 14.02 -21.39 -28.19
CA GLY A 408 13.82 -20.59 -26.99
C GLY A 408 14.51 -19.24 -27.02
N TRP A 409 15.36 -19.01 -28.02
CA TRP A 409 16.17 -17.80 -28.13
C TRP A 409 15.47 -16.68 -28.88
N VAL A 410 15.64 -15.46 -28.38
CA VAL A 410 15.16 -14.26 -29.05
C VAL A 410 16.15 -13.15 -28.77
N TYR A 411 16.26 -12.21 -29.69
CA TYR A 411 17.07 -11.03 -29.45
C TYR A 411 16.19 -9.92 -28.89
N LEU A 412 16.23 -9.73 -27.58
CA LEU A 412 15.30 -8.83 -26.91
C LEU A 412 15.92 -7.44 -26.78
N GLU A 413 15.08 -6.42 -26.80
CA GLU A 413 15.58 -5.05 -26.67
C GLU A 413 14.78 -4.23 -25.68
N ALA A 414 15.43 -3.20 -25.15
CA ALA A 414 14.81 -2.26 -24.24
C ALA A 414 15.35 -0.87 -24.54
N PRO A 415 14.49 0.15 -24.41
CA PRO A 415 14.93 1.50 -24.76
C PRO A 415 15.94 2.03 -23.73
N ALA A 416 16.65 3.10 -24.09
CA ALA A 416 17.54 3.77 -23.16
C ALA A 416 16.75 4.35 -21.99
N TYR A 417 17.41 4.53 -20.86
CA TYR A 417 16.79 5.26 -19.77
C TYR A 417 17.18 6.74 -19.87
N ASP A 418 16.24 7.55 -20.36
CA ASP A 418 16.44 8.97 -20.56
C ASP A 418 15.06 9.64 -20.64
N PRO A 419 14.31 9.60 -19.52
CA PRO A 419 12.90 10.03 -19.51
C PRO A 419 12.68 11.44 -20.06
N ALA A 420 13.64 12.34 -19.87
CA ALA A 420 13.54 13.67 -20.45
C ALA A 420 13.25 13.59 -21.95
N ASN A 421 13.77 12.55 -22.60
CA ASN A 421 13.56 12.37 -24.03
C ASN A 421 12.60 11.23 -24.40
N GLY A 422 11.66 10.93 -23.52
CA GLY A 422 10.67 9.89 -23.78
C GLY A 422 11.23 8.48 -23.80
N GLN A 423 12.41 8.30 -23.22
CA GLN A 423 13.04 6.97 -23.16
C GLN A 423 12.97 6.50 -21.71
N TYR A 424 12.15 5.48 -21.46
CA TYR A 424 11.80 5.13 -20.09
C TYR A 424 12.53 3.92 -19.50
N GLY A 425 13.45 3.34 -20.25
CA GLY A 425 14.32 2.30 -19.70
C GLY A 425 13.66 0.97 -19.35
N TYR A 426 12.53 0.64 -19.97
CA TYR A 426 11.96 -0.70 -19.87
C TYR A 426 11.09 -1.04 -21.07
N SER A 427 11.03 -2.33 -21.40
CA SER A 427 10.08 -2.84 -22.37
C SER A 427 9.43 -4.07 -21.76
N VAL A 428 8.24 -4.43 -22.21
CA VAL A 428 7.51 -5.55 -21.65
C VAL A 428 6.87 -6.29 -22.81
N TRP A 429 7.00 -7.61 -22.80
CA TRP A 429 6.63 -8.43 -23.94
C TRP A 429 5.68 -9.54 -23.51
N SER A 430 4.80 -9.94 -24.41
CA SER A 430 4.02 -11.16 -24.22
C SER A 430 3.62 -11.71 -25.60
N TYR A 431 2.89 -12.83 -25.63
CA TYR A 431 2.35 -13.33 -26.87
C TYR A 431 1.64 -12.22 -27.63
N CYS A 432 1.72 -12.29 -28.95
CA CYS A 432 1.02 -11.38 -29.84
C CYS A 432 -0.48 -11.61 -29.77
N GLY A 433 -1.26 -10.55 -29.94
CA GLY A 433 -2.70 -10.69 -30.05
C GLY A 433 -3.52 -10.76 -28.77
N VAL A 434 -2.90 -10.50 -27.62
CA VAL A 434 -3.64 -10.53 -26.36
C VAL A 434 -4.68 -9.42 -26.31
N GLY A 435 -4.23 -8.21 -26.57
CA GLY A 435 -5.09 -7.05 -26.47
C GLY A 435 -4.31 -5.76 -26.47
#